data_2ZL6
#
_entry.id   2ZL6
#
_cell.length_a   83.512
_cell.length_b   83.512
_cell.length_c   162.929
_cell.angle_alpha   90.00
_cell.angle_beta   90.00
_cell.angle_gamma   120.00
#
_symmetry.space_group_name_H-M   'P 31 2 1'
#
loop_
_entity.id
_entity.type
_entity.pdbx_description
1 polymer '58 kd capsid protein'
2 branched alpha-L-fucopyranose-(1-2)-beta-D-galactopyranose-(1-3)-2-acetamido-2-deoxy-beta-D-glucopyranose-(1-3)-beta-D-galactopyranose-(1-4)-beta-D-glucopyranose
3 non-polymer 'MAGNESIUM ION'
4 non-polymer 'ACETATE ION'
5 water water
#
_entity_poly.entity_id   1
_entity_poly.type   'polypeptide(L)'
_entity_poly.pdbx_seq_one_letter_code
;EQKTRPFTLPNLPLSSLSNSRAPLPISSMGISPDNVQSVQFQNGRCTLDGRLVGTTPVSLSHVAKIRGTSNGTVINLTEL
DGTPFHPFEGPAPIGFPDLGGCDWHINMTQFGHSSQTQYDVDTTPDTFVPHLGSIQANGIGSGNYVGVLSWISPPSHPSG
SQVDLWKIPNYGSSITEATHLAPSVYPPGFGEVLVFFMSKMPGPGAYNLPCLLPQEYISHLASEQAPTVGEAALLHYVDP
DTGRNLGEFKAYPDGFLTCVPNGASSGPQQLPINGVFVFVSWVSRFYQLKPVGTA
;
_entity_poly.pdbx_strand_id   A,B
#
# COMPACT_ATOMS: atom_id res chain seq x y z
N PHE A 7 -19.66 -0.70 -15.43
CA PHE A 7 -18.39 -1.28 -14.93
C PHE A 7 -17.27 -0.27 -15.01
N THR A 8 -16.43 -0.23 -13.98
CA THR A 8 -15.26 0.65 -13.97
C THR A 8 -13.96 0.01 -13.50
N LEU A 9 -12.86 0.50 -14.07
CA LEU A 9 -11.51 0.31 -13.53
C LEU A 9 -11.00 1.66 -13.03
N PRO A 10 -9.99 1.67 -12.15
CA PRO A 10 -9.49 2.98 -11.64
C PRO A 10 -9.11 3.94 -12.75
N ASN A 11 -9.58 5.17 -12.62
CA ASN A 11 -9.16 6.25 -13.52
C ASN A 11 -7.86 6.87 -13.03
N LEU A 12 -6.79 6.08 -13.07
CA LEU A 12 -5.49 6.41 -12.50
C LEU A 12 -4.41 5.86 -13.42
N PRO A 13 -3.35 6.63 -13.64
CA PRO A 13 -2.30 6.14 -14.56
C PRO A 13 -1.57 4.97 -13.92
N LEU A 14 -1.19 3.99 -14.73
CA LEU A 14 -0.52 2.80 -14.17
C LEU A 14 0.73 3.11 -13.35
N SER A 15 1.51 4.09 -13.82
CA SER A 15 2.75 4.46 -13.16
C SER A 15 2.55 5.08 -11.77
N SER A 16 1.29 5.36 -11.42
CA SER A 16 0.95 5.87 -10.09
CA SER A 16 1.00 5.87 -10.07
C SER A 16 0.57 4.76 -9.10
N LEU A 17 0.54 3.53 -9.59
CA LEU A 17 -0.04 2.40 -8.84
C LEU A 17 1.03 1.43 -8.34
N SER A 18 0.60 0.44 -7.55
CA SER A 18 1.52 -0.51 -6.94
C SER A 18 1.38 -1.93 -7.50
N ASN A 19 2.51 -2.64 -7.47
CA ASN A 19 2.48 -4.09 -7.61
C ASN A 19 1.58 -4.66 -6.51
N SER A 20 1.00 -5.84 -6.77
CA SER A 20 0.15 -6.52 -5.78
C SER A 20 0.88 -7.70 -5.14
N ARG A 21 2.16 -7.90 -5.50
CA ARG A 21 2.94 -8.96 -4.86
C ARG A 21 4.02 -8.44 -3.94
N ALA A 22 4.24 -7.12 -3.97
CA ALA A 22 5.16 -6.45 -3.05
C ALA A 22 4.82 -4.96 -3.15
N PRO A 23 5.11 -4.20 -2.09
CA PRO A 23 4.77 -2.76 -2.11
C PRO A 23 5.72 -1.91 -2.96
N LEU A 24 5.61 -2.07 -4.28
CA LEU A 24 6.55 -1.43 -5.22
C LEU A 24 5.81 -0.72 -6.33
N PRO A 25 6.29 0.48 -6.73
CA PRO A 25 5.65 1.15 -7.87
C PRO A 25 5.67 0.28 -9.14
N ILE A 26 4.62 0.42 -9.92
CA ILE A 26 4.56 -0.18 -11.28
C ILE A 26 5.47 0.64 -12.22
N SER A 27 6.41 -0.06 -12.88
CA SER A 27 7.38 0.59 -13.79
C SER A 27 7.14 0.27 -15.28
N SER A 28 6.47 -0.84 -15.56
CA SER A 28 6.14 -1.20 -16.96
C SER A 28 5.05 -2.26 -17.02
N MET A 29 4.52 -2.51 -18.21
CA MET A 29 3.76 -3.73 -18.50
C MET A 29 4.65 -4.66 -19.31
N GLY A 30 4.40 -5.95 -19.20
CA GLY A 30 5.19 -6.96 -19.91
C GLY A 30 4.40 -8.21 -20.19
N ILE A 31 5.02 -9.15 -20.91
CA ILE A 31 4.44 -10.46 -21.14
C ILE A 31 5.28 -11.46 -20.38
N SER A 32 4.83 -12.72 -20.31
CA SER A 32 5.61 -13.72 -19.57
C SER A 32 6.84 -14.14 -20.39
N PRO A 33 7.86 -14.67 -19.71
CA PRO A 33 9.00 -15.29 -20.39
C PRO A 33 8.47 -16.41 -21.29
N ASP A 34 9.22 -16.77 -22.32
CA ASP A 34 8.77 -17.86 -23.18
C ASP A 34 8.94 -19.27 -22.59
N ASN A 35 9.49 -19.34 -21.38
CA ASN A 35 9.46 -20.58 -20.61
C ASN A 35 8.40 -20.55 -19.49
N VAL A 36 7.48 -19.60 -19.62
CA VAL A 36 6.31 -19.55 -18.75
C VAL A 36 5.08 -19.38 -19.63
N GLN A 37 4.14 -20.32 -19.53
CA GLN A 37 2.84 -20.22 -20.20
C GLN A 37 1.76 -19.84 -19.17
N SER A 38 1.65 -20.61 -18.10
CA SER A 38 0.67 -20.30 -17.05
C SER A 38 1.38 -19.76 -15.81
N VAL A 39 0.62 -19.04 -14.97
CA VAL A 39 1.15 -18.57 -13.69
C VAL A 39 0.17 -18.97 -12.58
N GLN A 40 0.65 -18.97 -11.35
CA GLN A 40 -0.22 -19.36 -10.24
C GLN A 40 0.01 -18.47 -9.01
N PHE A 41 0.20 -17.17 -9.26
CA PHE A 41 0.41 -16.23 -8.16
C PHE A 41 -0.72 -16.36 -7.14
N GLN A 42 -0.38 -16.20 -5.86
CA GLN A 42 -1.38 -16.26 -4.79
C GLN A 42 -1.82 -14.89 -4.29
N ASN A 43 -0.93 -13.89 -4.44
CA ASN A 43 -1.30 -12.49 -4.20
C ASN A 43 -1.64 -11.80 -5.51
N GLY A 44 -2.33 -10.66 -5.45
CA GLY A 44 -2.75 -9.98 -6.67
C GLY A 44 -3.77 -10.72 -7.49
N ARG A 45 -4.63 -11.47 -6.80
CA ARG A 45 -5.71 -12.23 -7.42
C ARG A 45 -7.07 -11.72 -6.98
N CYS A 46 -7.81 -11.12 -7.90
CA CYS A 46 -9.16 -10.65 -7.63
C CYS A 46 -9.97 -10.74 -8.92
N THR A 47 -11.17 -11.28 -8.82
CA THR A 47 -12.04 -11.40 -9.99
C THR A 47 -12.68 -10.05 -10.31
N LEU A 48 -13.22 -9.93 -11.51
CA LEU A 48 -13.83 -8.66 -11.91
C LEU A 48 -15.03 -8.26 -11.06
N ASP A 49 -15.74 -9.23 -10.46
CA ASP A 49 -16.86 -8.90 -9.59
C ASP A 49 -16.46 -8.67 -8.13
N GLY A 50 -15.15 -8.67 -7.86
CA GLY A 50 -14.61 -8.32 -6.56
C GLY A 50 -14.32 -9.43 -5.59
N ARG A 51 -14.19 -10.67 -6.08
CA ARG A 51 -13.86 -11.80 -5.20
C ARG A 51 -12.35 -11.90 -5.04
N LEU A 52 -11.85 -11.74 -3.82
CA LEU A 52 -10.43 -11.93 -3.54
C LEU A 52 -10.12 -13.41 -3.57
N VAL A 53 -8.99 -13.75 -4.17
CA VAL A 53 -8.58 -15.13 -4.43
C VAL A 53 -7.18 -15.37 -3.82
N GLY A 54 -6.89 -16.60 -3.43
CA GLY A 54 -5.57 -16.91 -2.88
C GLY A 54 -5.34 -16.20 -1.55
N THR A 55 -4.13 -15.65 -1.36
CA THR A 55 -3.80 -14.96 -0.11
C THR A 55 -3.97 -13.44 -0.27
N THR A 56 -4.62 -13.03 -1.35
CA THR A 56 -4.74 -11.61 -1.68
C THR A 56 -5.52 -10.82 -0.63
N PRO A 57 -4.91 -9.72 -0.10
CA PRO A 57 -5.66 -8.80 0.76
C PRO A 57 -6.23 -7.62 -0.04
N VAL A 58 -7.17 -6.89 0.57
CA VAL A 58 -7.68 -5.65 -0.01
C VAL A 58 -6.59 -4.59 -0.12
N SER A 59 -5.74 -4.51 0.90
CA SER A 59 -4.86 -3.35 1.08
C SER A 59 -3.39 -3.71 0.92
N LEU A 60 -2.64 -2.80 0.27
CA LEU A 60 -1.20 -2.99 0.18
C LEU A 60 -0.50 -3.07 1.54
N SER A 61 -1.13 -2.52 2.59
CA SER A 61 -0.56 -2.60 3.93
C SER A 61 -0.45 -4.04 4.44
N HIS A 62 -1.08 -4.99 3.74
CA HIS A 62 -0.94 -6.40 4.13
C HIS A 62 -0.06 -7.22 3.15
N VAL A 63 0.43 -6.59 2.07
CA VAL A 63 1.04 -7.38 0.98
C VAL A 63 2.52 -7.70 1.28
N ALA A 64 2.87 -8.99 1.13
CA ALA A 64 4.23 -9.49 1.36
C ALA A 64 4.70 -9.25 2.80
N LYS A 65 3.80 -9.58 3.71
CA LYS A 65 4.06 -9.43 5.16
C LYS A 65 3.78 -10.73 5.88
N ILE A 66 4.41 -10.86 7.05
CA ILE A 66 4.22 -12.01 7.90
C ILE A 66 4.02 -11.52 9.33
N ARG A 67 3.35 -12.35 10.13
CA ARG A 67 3.26 -12.09 11.57
C ARG A 67 3.35 -13.44 12.26
N GLY A 68 4.13 -13.48 13.32
CA GLY A 68 4.22 -14.73 14.08
C GLY A 68 5.12 -14.61 15.28
N THR A 69 5.16 -15.67 16.07
CA THR A 69 5.98 -15.76 17.26
C THR A 69 7.08 -16.79 17.08
N SER A 70 8.33 -16.34 17.19
CA SER A 70 9.47 -17.23 17.20
C SER A 70 9.67 -17.84 18.57
N ASN A 71 10.02 -19.12 18.58
CA ASN A 71 10.52 -19.75 19.80
C ASN A 71 12.02 -20.00 19.69
N GLY A 72 12.66 -19.37 18.70
CA GLY A 72 14.08 -19.55 18.44
C GLY A 72 14.37 -20.66 17.42
N THR A 73 13.39 -21.54 17.20
CA THR A 73 13.53 -22.67 16.27
C THR A 73 12.55 -22.55 15.10
N VAL A 74 11.30 -22.25 15.43
CA VAL A 74 10.29 -21.99 14.42
C VAL A 74 9.57 -20.69 14.72
N ILE A 75 8.95 -20.14 13.67
CA ILE A 75 8.03 -19.03 13.80
C ILE A 75 6.65 -19.60 13.53
N ASN A 76 5.79 -19.51 14.55
CA ASN A 76 4.41 -19.94 14.44
C ASN A 76 3.58 -18.74 13.96
N LEU A 77 2.98 -18.91 12.78
CA LEU A 77 2.36 -17.80 12.08
C LEU A 77 0.92 -17.54 12.48
N THR A 78 0.51 -16.27 12.42
CA THR A 78 -0.88 -15.89 12.57
C THR A 78 -1.24 -14.96 11.39
N GLU A 79 -2.50 -14.52 11.29
CA GLU A 79 -2.83 -13.43 10.41
C GLU A 79 -2.10 -12.18 10.88
N LEU A 80 -2.04 -11.15 10.02
CA LEU A 80 -1.31 -9.95 10.41
CA LEU A 80 -1.35 -9.92 10.36
C LEU A 80 -1.88 -9.25 11.65
N ASP A 81 -3.19 -9.40 11.88
CA ASP A 81 -3.82 -8.78 13.07
C ASP A 81 -3.71 -9.67 14.31
N GLY A 82 -3.03 -10.81 14.19
CA GLY A 82 -2.80 -11.70 15.32
C GLY A 82 -3.82 -12.82 15.42
N THR A 83 -4.88 -12.75 14.62
CA THR A 83 -5.94 -13.80 14.54
C THR A 83 -5.31 -15.13 14.14
N PRO A 84 -5.78 -16.25 14.71
CA PRO A 84 -5.26 -17.54 14.29
C PRO A 84 -5.45 -17.84 12.82
N PHE A 85 -4.46 -18.51 12.27
CA PHE A 85 -4.51 -19.05 10.93
C PHE A 85 -4.56 -20.59 11.01
N HIS A 86 -5.45 -21.19 10.23
CA HIS A 86 -5.59 -22.66 10.19
C HIS A 86 -5.42 -23.17 8.78
N PRO A 87 -4.89 -24.42 8.64
CA PRO A 87 -4.64 -24.96 7.29
C PRO A 87 -5.83 -24.88 6.33
N PHE A 88 -7.04 -25.10 6.82
CA PHE A 88 -8.20 -25.06 5.93
C PHE A 88 -8.40 -23.72 5.22
N GLU A 89 -7.79 -22.66 5.77
CA GLU A 89 -8.00 -21.31 5.25
C GLU A 89 -7.25 -21.02 3.96
N GLY A 90 -6.13 -21.71 3.72
CA GLY A 90 -5.38 -21.45 2.49
C GLY A 90 -3.94 -21.89 2.57
N PRO A 91 -3.13 -21.51 1.57
CA PRO A 91 -1.73 -21.96 1.53
C PRO A 91 -0.83 -21.25 2.55
N ALA A 92 -1.30 -20.10 3.06
CA ALA A 92 -0.56 -19.30 4.04
C ALA A 92 -1.52 -18.23 4.52
N PRO A 93 -1.17 -17.52 5.61
CA PRO A 93 -2.02 -16.40 6.02
C PRO A 93 -2.19 -15.34 4.92
N ILE A 94 -3.26 -14.56 5.00
CA ILE A 94 -3.47 -13.49 4.04
C ILE A 94 -2.25 -12.57 3.98
N GLY A 95 -1.86 -12.20 2.74
CA GLY A 95 -0.73 -11.29 2.51
C GLY A 95 0.65 -11.91 2.49
N PHE A 96 0.76 -13.18 2.90
CA PHE A 96 2.07 -13.85 3.02
C PHE A 96 2.79 -13.77 1.66
N PRO A 97 4.11 -13.54 1.65
CA PRO A 97 4.77 -13.39 0.33
C PRO A 97 4.58 -14.61 -0.57
N ASP A 98 4.44 -14.37 -1.87
CA ASP A 98 4.24 -15.46 -2.82
C ASP A 98 5.35 -15.49 -3.88
N LEU A 99 6.52 -14.97 -3.53
CA LEU A 99 7.62 -14.91 -4.50
C LEU A 99 8.39 -16.20 -4.43
N GLY A 100 8.18 -17.05 -5.45
CA GLY A 100 9.01 -18.25 -5.58
C GLY A 100 10.36 -17.88 -6.21
N GLY A 101 11.22 -18.87 -6.35
CA GLY A 101 12.43 -18.68 -7.13
C GLY A 101 13.40 -17.66 -6.58
N CYS A 102 13.46 -17.59 -5.27
CA CYS A 102 14.37 -16.66 -4.62
C CYS A 102 14.42 -16.92 -3.12
N ASP A 103 15.47 -16.41 -2.48
CA ASP A 103 15.48 -16.28 -1.02
C ASP A 103 14.90 -14.91 -0.66
N TRP A 104 14.16 -14.90 0.45
CA TRP A 104 13.61 -13.65 0.98
C TRP A 104 14.46 -13.06 2.09
N HIS A 105 14.45 -11.74 2.16
CA HIS A 105 15.02 -11.04 3.30
C HIS A 105 13.96 -10.12 3.81
N ILE A 106 13.45 -10.50 4.97
CA ILE A 106 12.28 -9.85 5.55
C ILE A 106 12.71 -9.00 6.72
N ASN A 107 12.21 -7.76 6.76
CA ASN A 107 12.52 -6.86 7.86
C ASN A 107 11.50 -7.05 8.99
N MET A 108 12.00 -7.52 10.14
CA MET A 108 11.17 -7.85 11.30
C MET A 108 11.19 -6.72 12.31
N THR A 109 10.00 -6.28 12.73
CA THR A 109 9.90 -5.28 13.78
C THR A 109 8.91 -5.79 14.85
N GLN A 110 8.83 -5.05 15.95
CA GLN A 110 8.01 -5.48 17.08
C GLN A 110 7.25 -4.33 17.69
N PHE A 111 5.98 -4.55 17.97
CA PHE A 111 5.25 -3.58 18.78
C PHE A 111 5.81 -3.53 20.18
N GLY A 112 6.17 -2.34 20.63
CA GLY A 112 6.66 -2.14 21.99
C GLY A 112 8.15 -2.33 22.20
N HIS A 113 8.90 -2.69 21.14
CA HIS A 113 10.34 -2.86 21.25
C HIS A 113 11.08 -2.04 20.19
N SER A 114 12.28 -1.60 20.53
CA SER A 114 13.18 -0.99 19.53
C SER A 114 13.63 -2.03 18.55
N SER A 115 14.20 -1.54 17.45
CA SER A 115 15.09 -2.30 16.55
C SER A 115 14.37 -3.06 15.46
N GLN A 116 15.13 -3.40 14.42
CA GLN A 116 14.67 -4.30 13.38
C GLN A 116 15.68 -5.40 13.18
N THR A 117 15.24 -6.50 12.58
CA THR A 117 16.08 -7.67 12.39
C THR A 117 15.79 -8.23 11.01
N GLN A 118 16.85 -8.49 10.24
CA GLN A 118 16.65 -9.15 8.96
C GLN A 118 16.48 -10.67 9.12
N TYR A 119 15.40 -11.18 8.56
CA TYR A 119 15.06 -12.60 8.58
C TYR A 119 15.30 -13.16 7.19
N ASP A 120 16.22 -14.12 7.09
CA ASP A 120 16.60 -14.71 5.82
C ASP A 120 15.85 -16.01 5.59
N VAL A 121 15.10 -16.07 4.48
CA VAL A 121 14.18 -17.17 4.24
C VAL A 121 14.54 -17.91 2.96
N ASP A 122 15.02 -19.15 3.12
CA ASP A 122 15.02 -20.13 2.06
C ASP A 122 13.65 -20.82 2.11
N THR A 123 12.91 -20.78 1.01
CA THR A 123 11.56 -21.34 1.00
C THR A 123 11.52 -22.81 0.60
N THR A 124 12.68 -23.41 0.34
CA THR A 124 12.76 -24.80 -0.15
C THR A 124 12.84 -25.94 0.90
N PRO A 125 13.31 -25.69 2.14
CA PRO A 125 13.48 -26.84 3.08
C PRO A 125 12.16 -27.35 3.66
N ASP A 126 12.19 -28.52 4.30
CA ASP A 126 10.98 -29.12 4.78
C ASP A 126 10.43 -28.43 6.03
N THR A 127 11.22 -27.51 6.58
CA THR A 127 10.78 -26.68 7.71
C THR A 127 9.90 -25.48 7.25
N PHE A 128 9.88 -25.24 5.94
CA PHE A 128 9.10 -24.10 5.42
C PHE A 128 7.71 -24.59 5.08
N VAL A 129 6.80 -24.48 6.05
CA VAL A 129 5.47 -25.04 5.90
C VAL A 129 4.41 -24.02 6.31
N PRO A 130 4.35 -22.87 5.62
CA PRO A 130 3.40 -21.84 6.05
C PRO A 130 1.93 -22.31 5.99
N HIS A 131 1.63 -23.27 5.12
CA HIS A 131 0.29 -23.83 5.07
C HIS A 131 -0.11 -24.47 6.41
N LEU A 132 0.87 -25.00 7.13
CA LEU A 132 0.65 -25.56 8.48
C LEU A 132 1.03 -24.57 9.56
N GLY A 133 1.25 -23.32 9.18
CA GLY A 133 1.43 -22.25 10.14
C GLY A 133 2.81 -22.17 10.75
N SER A 134 3.81 -22.80 10.13
CA SER A 134 5.14 -22.89 10.72
C SER A 134 6.22 -22.69 9.67
N ILE A 135 7.18 -21.80 9.97
CA ILE A 135 8.40 -21.65 9.15
C ILE A 135 9.64 -21.58 10.03
N GLN A 136 10.80 -21.98 9.49
CA GLN A 136 12.02 -21.98 10.31
C GLN A 136 12.37 -20.58 10.81
N ALA A 137 12.79 -20.46 12.07
CA ALA A 137 13.20 -19.18 12.62
C ALA A 137 14.53 -18.69 12.02
N ASN A 138 15.37 -19.63 11.60
CA ASN A 138 16.70 -19.27 11.08
C ASN A 138 17.39 -18.18 11.89
N GLY A 139 17.43 -18.36 13.20
CA GLY A 139 18.19 -17.48 14.08
C GLY A 139 17.41 -16.32 14.67
N ILE A 140 16.15 -16.16 14.24
CA ILE A 140 15.32 -15.11 14.82
C ILE A 140 14.98 -15.49 16.25
N GLY A 141 15.38 -14.64 17.20
CA GLY A 141 15.18 -14.89 18.62
C GLY A 141 13.71 -14.87 19.03
N SER A 142 13.43 -15.48 20.18
CA SER A 142 12.07 -15.57 20.70
C SER A 142 11.40 -14.22 20.76
N GLY A 143 10.11 -14.19 20.41
CA GLY A 143 9.34 -12.96 20.41
C GLY A 143 8.29 -12.95 19.31
N ASN A 144 7.41 -11.96 19.38
CA ASN A 144 6.43 -11.75 18.35
C ASN A 144 6.91 -10.66 17.41
N TYR A 145 6.76 -10.89 16.11
CA TYR A 145 7.23 -9.95 15.08
C TYR A 145 6.18 -9.75 13.99
N VAL A 146 6.22 -8.56 13.39
CA VAL A 146 5.62 -8.36 12.07
C VAL A 146 6.82 -8.18 11.11
N GLY A 147 6.73 -8.82 9.94
CA GLY A 147 7.78 -8.71 8.93
C GLY A 147 7.24 -8.26 7.60
N VAL A 148 8.07 -7.48 6.91
CA VAL A 148 7.75 -7.09 5.54
C VAL A 148 8.92 -7.45 4.61
N LEU A 149 8.62 -8.00 3.45
CA LEU A 149 9.67 -8.30 2.50
C LEU A 149 10.43 -7.02 2.15
N SER A 150 11.76 -7.09 2.25
CA SER A 150 12.64 -5.95 2.01
CA SER A 150 12.58 -5.91 1.95
C SER A 150 13.46 -6.08 0.71
N TRP A 151 14.15 -7.22 0.57
CA TRP A 151 14.93 -7.46 -0.64
C TRP A 151 15.00 -8.96 -0.88
N ILE A 152 15.38 -9.36 -2.09
CA ILE A 152 15.50 -10.78 -2.41
C ILE A 152 16.87 -11.09 -3.01
N SER A 153 17.19 -12.39 -3.03
CA SER A 153 18.46 -12.84 -3.62
C SER A 153 18.19 -14.21 -4.27
N PRO A 154 19.19 -14.72 -5.04
CA PRO A 154 18.97 -16.03 -5.64
C PRO A 154 18.61 -17.11 -4.61
N PRO A 155 17.83 -18.13 -5.02
CA PRO A 155 17.47 -19.15 -4.04
C PRO A 155 18.68 -19.95 -3.60
N SER A 156 18.68 -20.36 -2.34
CA SER A 156 19.78 -21.17 -1.80
C SER A 156 19.81 -22.56 -2.43
N HIS A 157 18.66 -23.01 -2.88
CA HIS A 157 18.49 -24.32 -3.54
C HIS A 157 17.45 -24.20 -4.65
N PRO A 158 17.70 -24.82 -5.82
CA PRO A 158 18.96 -25.47 -6.20
C PRO A 158 20.09 -24.45 -6.28
N SER A 159 21.25 -24.78 -5.71
CA SER A 159 22.40 -23.88 -5.67
C SER A 159 22.77 -23.34 -7.06
N GLY A 160 23.12 -22.06 -7.13
CA GLY A 160 23.47 -21.44 -8.40
C GLY A 160 22.31 -21.08 -9.33
N SER A 161 21.07 -21.40 -8.97
CA SER A 161 19.94 -21.00 -9.82
C SER A 161 19.72 -19.48 -9.81
N GLN A 162 19.06 -18.98 -10.85
CA GLN A 162 18.78 -17.55 -10.95
C GLN A 162 17.47 -17.22 -10.25
N VAL A 163 17.29 -15.94 -9.94
CA VAL A 163 15.99 -15.46 -9.46
C VAL A 163 14.91 -15.65 -10.54
N ASP A 164 13.78 -16.22 -10.12
CA ASP A 164 12.68 -16.44 -11.03
C ASP A 164 11.33 -16.12 -10.36
N LEU A 165 10.92 -14.86 -10.47
CA LEU A 165 9.73 -14.38 -9.74
C LEU A 165 8.42 -14.78 -10.41
N TRP A 166 8.51 -15.59 -11.47
CA TRP A 166 7.33 -16.14 -12.13
C TRP A 166 6.77 -17.36 -11.37
N LYS A 167 7.54 -17.80 -10.37
CA LYS A 167 7.21 -18.95 -9.51
C LYS A 167 6.54 -18.47 -8.22
N ILE A 168 5.89 -19.43 -7.57
CA ILE A 168 5.44 -19.31 -6.18
C ILE A 168 6.20 -20.29 -5.28
N PRO A 169 6.26 -20.03 -3.97
CA PRO A 169 7.01 -20.94 -3.11
C PRO A 169 6.27 -22.23 -2.78
N ASN A 170 7.00 -23.14 -2.14
CA ASN A 170 6.41 -24.42 -1.75
C ASN A 170 5.80 -24.28 -0.36
N TYR A 171 4.50 -24.00 -0.32
CA TYR A 171 3.82 -23.67 0.94
C TYR A 171 3.57 -24.87 1.83
N GLY A 172 3.58 -26.06 1.23
CA GLY A 172 3.24 -27.28 1.95
C GLY A 172 4.46 -28.04 2.47
N SER A 173 4.19 -29.16 3.14
CA SER A 173 5.24 -29.97 3.76
C SER A 173 6.07 -30.65 2.67
N SER A 174 5.44 -30.81 1.51
CA SER A 174 6.11 -31.24 0.30
C SER A 174 5.33 -30.75 -0.92
N ILE A 175 5.91 -30.92 -2.10
CA ILE A 175 5.29 -30.47 -3.35
C ILE A 175 3.99 -31.25 -3.65
N THR A 176 3.79 -32.35 -2.95
CA THR A 176 2.59 -33.17 -3.15
C THR A 176 1.44 -32.83 -2.18
N GLU A 177 1.73 -31.99 -1.18
CA GLU A 177 0.69 -31.65 -0.20
C GLU A 177 -0.28 -30.60 -0.73
N ALA A 178 -1.57 -30.86 -0.55
CA ALA A 178 -2.64 -29.96 -0.99
C ALA A 178 -2.73 -28.75 -0.05
N THR A 179 -2.57 -27.54 -0.60
CA THR A 179 -2.51 -26.35 0.24
C THR A 179 -3.60 -25.33 -0.10
N HIS A 180 -4.54 -25.69 -0.96
CA HIS A 180 -5.65 -24.82 -1.35
C HIS A 180 -5.17 -23.59 -2.09
N LEU A 181 -4.22 -23.81 -2.99
CA LEU A 181 -3.74 -22.74 -3.85
C LEU A 181 -4.89 -22.18 -4.72
N ALA A 182 -4.84 -20.87 -5.00
CA ALA A 182 -5.69 -20.30 -6.05
C ALA A 182 -5.28 -20.97 -7.35
N PRO A 183 -6.24 -21.22 -8.25
CA PRO A 183 -5.93 -21.93 -9.50
C PRO A 183 -5.00 -21.15 -10.40
N SER A 184 -4.36 -21.87 -11.31
CA SER A 184 -3.51 -21.24 -12.32
C SER A 184 -4.30 -20.38 -13.30
N VAL A 185 -3.60 -19.44 -13.91
CA VAL A 185 -4.14 -18.57 -14.94
C VAL A 185 -3.42 -18.95 -16.24
N TYR A 186 -4.23 -19.20 -17.28
CA TYR A 186 -3.75 -19.68 -18.57
C TYR A 186 -4.00 -18.66 -19.67
N PRO A 187 -3.10 -18.56 -20.67
CA PRO A 187 -3.36 -17.72 -21.85
C PRO A 187 -4.63 -18.22 -22.53
N PRO A 188 -5.57 -17.33 -22.85
CA PRO A 188 -6.90 -17.82 -23.24
C PRO A 188 -7.11 -18.19 -24.71
N GLY A 189 -6.14 -17.91 -25.57
CA GLY A 189 -6.26 -18.20 -27.01
C GLY A 189 -6.41 -16.95 -27.87
N PHE A 190 -6.82 -17.16 -29.12
CA PHE A 190 -7.12 -16.08 -30.06
C PHE A 190 -5.95 -15.12 -30.30
N GLY A 191 -4.73 -15.63 -30.18
CA GLY A 191 -3.51 -14.83 -30.32
C GLY A 191 -3.23 -13.90 -29.14
N GLU A 192 -4.00 -14.07 -28.06
CA GLU A 192 -3.84 -13.19 -26.90
C GLU A 192 -2.71 -13.61 -25.97
N VAL A 193 -2.07 -12.61 -25.39
CA VAL A 193 -1.05 -12.85 -24.39
C VAL A 193 -1.51 -12.26 -23.05
N LEU A 194 -1.17 -12.95 -21.98
CA LEU A 194 -1.36 -12.43 -20.63
C LEU A 194 -0.52 -11.15 -20.45
N VAL A 195 -1.11 -10.15 -19.81
CA VAL A 195 -0.42 -8.90 -19.52
C VAL A 195 -0.04 -8.84 -18.04
N PHE A 196 1.20 -8.50 -17.77
CA PHE A 196 1.72 -8.40 -16.41
C PHE A 196 2.15 -6.99 -16.10
N PHE A 197 1.92 -6.58 -14.86
CA PHE A 197 2.35 -5.28 -14.38
C PHE A 197 3.61 -5.51 -13.60
N MET A 198 4.69 -4.82 -13.98
CA MET A 198 6.03 -5.11 -13.50
C MET A 198 6.58 -4.06 -12.57
N SER A 199 7.42 -4.48 -11.63
CA SER A 199 8.12 -3.60 -10.72
C SER A 199 9.54 -4.11 -10.53
N LYS A 200 10.42 -3.23 -10.05
CA LYS A 200 11.81 -3.58 -9.78
C LYS A 200 11.94 -3.85 -8.28
N MET A 201 12.53 -5.00 -7.96
CA MET A 201 12.67 -5.47 -6.57
C MET A 201 14.12 -5.34 -6.15
N PRO A 202 14.40 -4.63 -5.03
CA PRO A 202 15.75 -4.52 -4.49
C PRO A 202 16.44 -5.87 -4.24
N GLY A 203 17.76 -5.85 -4.42
CA GLY A 203 18.62 -7.00 -4.18
C GLY A 203 19.71 -7.01 -5.23
N PRO A 204 20.64 -8.02 -5.14
CA PRO A 204 21.89 -8.05 -5.93
C PRO A 204 21.70 -8.49 -7.39
N GLY A 205 20.73 -7.90 -8.07
CA GLY A 205 20.48 -8.17 -9.49
C GLY A 205 19.41 -7.26 -10.04
N ALA A 206 19.08 -7.44 -11.30
CA ALA A 206 18.03 -6.67 -11.95
C ALA A 206 16.81 -7.57 -11.87
N TYR A 207 16.04 -7.36 -10.80
CA TYR A 207 14.93 -8.27 -10.53
C TYR A 207 13.59 -7.67 -10.90
N ASN A 208 12.85 -8.41 -11.69
CA ASN A 208 11.60 -7.96 -12.27
C ASN A 208 10.44 -8.75 -11.72
N LEU A 209 9.57 -8.07 -10.95
CA LEU A 209 8.45 -8.74 -10.28
C LEU A 209 7.16 -8.51 -11.03
N PRO A 210 6.57 -9.58 -11.61
CA PRO A 210 5.30 -9.45 -12.30
C PRO A 210 4.10 -9.67 -11.38
N CYS A 211 3.00 -9.02 -11.71
CA CYS A 211 1.71 -9.35 -11.06
C CYS A 211 0.57 -9.20 -12.06
N LEU A 212 -0.60 -9.78 -11.78
CA LEU A 212 -1.70 -9.75 -12.73
C LEU A 212 -2.56 -8.47 -12.69
N LEU A 213 -2.58 -7.82 -11.53
CA LEU A 213 -3.34 -6.56 -11.38
C LEU A 213 -2.63 -5.64 -10.42
N PRO A 214 -2.63 -4.32 -10.70
CA PRO A 214 -2.08 -3.43 -9.67
C PRO A 214 -2.94 -3.56 -8.39
N GLN A 215 -2.31 -3.30 -7.24
CA GLN A 215 -3.07 -3.43 -5.98
C GLN A 215 -4.29 -2.50 -5.94
N GLU A 216 -4.17 -1.30 -6.49
CA GLU A 216 -5.32 -0.37 -6.47
C GLU A 216 -6.50 -0.84 -7.30
N TYR A 217 -6.22 -1.68 -8.32
CA TYR A 217 -7.30 -2.35 -9.03
C TYR A 217 -8.05 -3.34 -8.14
N ILE A 218 -7.29 -4.02 -7.28
CA ILE A 218 -7.83 -5.01 -6.32
CA ILE A 218 -7.92 -4.99 -6.39
C ILE A 218 -8.82 -4.32 -5.38
N SER A 219 -8.35 -3.24 -4.72
CA SER A 219 -9.26 -2.52 -3.81
CA SER A 219 -9.25 -2.55 -3.79
C SER A 219 -10.45 -1.95 -4.54
N HIS A 220 -10.22 -1.43 -5.76
CA HIS A 220 -11.34 -0.88 -6.55
C HIS A 220 -12.40 -1.94 -6.86
N LEU A 221 -11.94 -3.10 -7.35
CA LEU A 221 -12.89 -4.15 -7.73
C LEU A 221 -13.62 -4.71 -6.49
N ALA A 222 -12.86 -4.86 -5.41
CA ALA A 222 -13.43 -5.38 -4.14
C ALA A 222 -14.47 -4.42 -3.57
N SER A 223 -14.28 -3.12 -3.77
CA SER A 223 -15.27 -2.12 -3.37
C SER A 223 -16.47 -2.12 -4.31
N GLU A 224 -16.21 -2.13 -5.61
CA GLU A 224 -17.22 -1.98 -6.63
C GLU A 224 -18.26 -3.12 -6.64
N GLN A 225 -17.77 -4.34 -6.42
CA GLN A 225 -18.63 -5.54 -6.39
C GLN A 225 -19.61 -5.55 -7.56
N ALA A 226 -19.05 -5.40 -8.77
CA ALA A 226 -19.83 -5.29 -10.00
C ALA A 226 -20.95 -6.33 -10.09
N PRO A 227 -22.20 -5.87 -10.26
CA PRO A 227 -23.30 -6.82 -10.32
C PRO A 227 -23.50 -7.47 -11.69
N THR A 228 -22.86 -6.95 -12.74
CA THR A 228 -23.15 -7.33 -14.14
C THR A 228 -21.93 -7.67 -15.02
N VAL A 229 -21.09 -8.59 -14.56
CA VAL A 229 -19.89 -8.95 -15.33
C VAL A 229 -20.23 -9.84 -16.54
N GLY A 230 -19.76 -9.44 -17.73
CA GLY A 230 -19.99 -10.20 -18.99
C GLY A 230 -18.89 -11.23 -19.22
N GLU A 231 -18.74 -11.71 -20.46
CA GLU A 231 -17.74 -12.76 -20.75
C GLU A 231 -16.29 -12.22 -20.75
N ALA A 232 -16.14 -11.00 -21.22
CA ALA A 232 -14.85 -10.31 -21.22
C ALA A 232 -15.16 -8.82 -21.33
N ALA A 233 -14.36 -8.00 -20.67
CA ALA A 233 -14.48 -6.55 -20.80
C ALA A 233 -13.52 -6.07 -21.86
N LEU A 234 -14.05 -5.41 -22.88
CA LEU A 234 -13.20 -4.72 -23.84
C LEU A 234 -12.73 -3.41 -23.20
N LEU A 235 -11.42 -3.20 -23.20
CA LEU A 235 -10.81 -1.99 -22.63
C LEU A 235 -10.02 -1.25 -23.70
N HIS A 236 -9.84 0.06 -23.50
CA HIS A 236 -8.81 0.81 -24.20
C HIS A 236 -7.76 1.26 -23.20
N TYR A 237 -6.50 1.22 -23.60
CA TYR A 237 -5.43 1.84 -22.84
C TYR A 237 -5.24 3.23 -23.39
N VAL A 238 -5.48 4.24 -22.56
CA VAL A 238 -5.68 5.60 -23.06
C VAL A 238 -4.59 6.53 -22.51
N ASP A 239 -4.05 7.39 -23.36
CA ASP A 239 -3.28 8.53 -22.88
C ASP A 239 -4.27 9.60 -22.39
N PRO A 240 -4.21 9.95 -21.10
CA PRO A 240 -5.20 10.87 -20.50
C PRO A 240 -5.31 12.28 -21.14
N ASP A 241 -4.17 12.92 -21.35
CA ASP A 241 -4.11 14.29 -21.88
C ASP A 241 -4.70 14.41 -23.28
N THR A 242 -4.23 13.50 -24.13
CA THR A 242 -4.51 13.53 -25.55
C THR A 242 -5.78 12.74 -25.83
N GLY A 243 -6.12 11.80 -24.95
CA GLY A 243 -7.31 10.95 -25.11
C GLY A 243 -7.12 9.82 -26.11
N ARG A 244 -5.90 9.67 -26.64
CA ARG A 244 -5.61 8.68 -27.67
C ARG A 244 -5.75 7.26 -27.15
N ASN A 245 -6.50 6.43 -27.89
CA ASN A 245 -6.52 4.98 -27.67
C ASN A 245 -5.20 4.36 -28.14
N LEU A 246 -4.43 3.81 -27.20
CA LEU A 246 -3.12 3.23 -27.51
C LEU A 246 -3.18 1.73 -27.76
N GLY A 247 -4.34 1.14 -27.51
CA GLY A 247 -4.47 -0.31 -27.67
C GLY A 247 -5.71 -0.90 -27.04
N GLU A 248 -6.27 -1.90 -27.71
CA GLU A 248 -7.42 -2.66 -27.22
C GLU A 248 -6.91 -3.81 -26.35
N PHE A 249 -7.51 -3.98 -25.17
CA PHE A 249 -7.20 -5.10 -24.29
C PHE A 249 -8.50 -5.77 -23.87
N LYS A 250 -8.41 -7.02 -23.37
CA LYS A 250 -9.57 -7.63 -22.72
C LYS A 250 -9.25 -7.91 -21.27
N ALA A 251 -10.22 -7.65 -20.39
CA ALA A 251 -10.13 -8.14 -19.01
C ALA A 251 -11.07 -9.32 -18.89
N TYR A 252 -10.56 -10.40 -18.32
CA TYR A 252 -11.36 -11.61 -18.14
C TYR A 252 -11.90 -11.71 -16.71
N PRO A 253 -13.07 -12.33 -16.55
CA PRO A 253 -13.73 -12.45 -15.23
C PRO A 253 -12.82 -12.91 -14.11
N ASP A 254 -11.89 -13.83 -14.39
CA ASP A 254 -11.02 -14.33 -13.33
C ASP A 254 -10.00 -13.31 -12.81
N GLY A 255 -9.89 -12.16 -13.50
CA GLY A 255 -9.05 -11.07 -13.01
C GLY A 255 -7.69 -10.92 -13.66
N PHE A 256 -7.65 -11.00 -14.98
CA PHE A 256 -6.42 -10.77 -15.72
C PHE A 256 -6.75 -10.09 -17.02
N LEU A 257 -5.72 -9.45 -17.59
CA LEU A 257 -5.86 -8.72 -18.82
C LEU A 257 -5.05 -9.41 -19.91
N THR A 258 -5.51 -9.23 -21.15
CA THR A 258 -4.75 -9.68 -22.31
C THR A 258 -4.75 -8.62 -23.40
N CYS A 259 -3.82 -8.78 -24.33
CA CYS A 259 -3.84 -8.03 -25.58
C CYS A 259 -3.27 -8.96 -26.66
N VAL A 260 -3.29 -8.50 -27.91
CA VAL A 260 -2.63 -9.22 -28.99
C VAL A 260 -1.40 -8.39 -29.40
N PRO A 261 -0.18 -8.92 -29.20
CA PRO A 261 1.02 -8.17 -29.60
C PRO A 261 1.03 -7.91 -31.11
N ASN A 262 1.65 -6.80 -31.52
CA ASN A 262 1.85 -6.54 -32.94
C ASN A 262 3.20 -7.15 -33.33
N GLY A 263 3.20 -8.48 -33.45
CA GLY A 263 4.43 -9.25 -33.73
C GLY A 263 5.40 -9.31 -32.56
N ALA A 264 6.55 -9.95 -32.79
CA ALA A 264 7.55 -10.10 -31.73
C ALA A 264 8.13 -8.75 -31.27
N SER A 265 8.06 -7.75 -32.15
CA SER A 265 8.75 -6.48 -31.91
C SER A 265 7.96 -5.50 -31.03
N SER A 266 6.63 -5.61 -31.06
CA SER A 266 5.77 -4.60 -30.40
C SER A 266 4.64 -5.18 -29.54
N GLY A 267 4.83 -5.11 -28.23
CA GLY A 267 3.81 -5.55 -27.27
C GLY A 267 3.64 -4.59 -26.11
N PRO A 268 3.09 -5.08 -24.99
CA PRO A 268 2.85 -4.24 -23.80
C PRO A 268 4.10 -3.49 -23.31
N GLN A 269 5.27 -4.11 -23.42
CA GLN A 269 6.52 -3.53 -22.94
C GLN A 269 6.88 -2.24 -23.69
N GLN A 270 6.37 -2.14 -24.91
CA GLN A 270 6.62 -0.97 -25.74
C GLN A 270 5.64 0.18 -25.46
N LEU A 271 4.59 -0.08 -24.68
CA LEU A 271 3.63 0.96 -24.35
C LEU A 271 4.15 1.90 -23.26
N PRO A 272 3.74 3.18 -23.29
CA PRO A 272 4.15 4.02 -22.17
C PRO A 272 3.35 3.59 -20.95
N ILE A 273 3.88 3.89 -19.76
CA ILE A 273 3.30 3.34 -18.53
C ILE A 273 2.42 4.37 -17.81
N ASN A 274 2.25 5.55 -18.39
CA ASN A 274 1.45 6.60 -17.77
C ASN A 274 0.01 6.63 -18.29
N GLY A 275 -0.44 5.56 -18.95
CA GLY A 275 -1.81 5.51 -19.45
C GLY A 275 -2.81 4.95 -18.44
N VAL A 276 -4.07 4.95 -18.85
CA VAL A 276 -5.22 4.56 -18.00
C VAL A 276 -6.03 3.53 -18.75
N PHE A 277 -6.34 2.40 -18.12
CA PHE A 277 -7.31 1.47 -18.71
C PHE A 277 -8.73 1.93 -18.50
N VAL A 278 -9.50 1.95 -19.58
CA VAL A 278 -10.86 2.43 -19.55
C VAL A 278 -11.77 1.35 -20.08
N PHE A 279 -12.80 1.02 -19.31
CA PHE A 279 -13.78 0.04 -19.76
C PHE A 279 -14.58 0.61 -20.93
N VAL A 280 -14.69 -0.18 -21.99
CA VAL A 280 -15.49 0.20 -23.17
C VAL A 280 -16.87 -0.51 -23.20
N SER A 281 -16.85 -1.84 -23.18
CA SER A 281 -18.08 -2.62 -23.28
C SER A 281 -17.81 -4.06 -22.91
N TRP A 282 -18.87 -4.80 -22.62
CA TRP A 282 -18.78 -6.25 -22.47
C TRP A 282 -18.84 -6.87 -23.85
N VAL A 283 -17.94 -7.81 -24.10
CA VAL A 283 -17.88 -8.48 -25.39
C VAL A 283 -17.83 -9.98 -25.13
N SER A 284 -17.94 -10.76 -26.20
CA SER A 284 -17.83 -12.20 -26.10
C SER A 284 -16.39 -12.60 -25.76
N ARG A 285 -16.25 -13.76 -25.14
CA ARG A 285 -14.94 -14.33 -24.84
C ARG A 285 -14.03 -14.41 -26.07
N PHE A 286 -14.60 -14.70 -27.22
CA PHE A 286 -13.83 -14.88 -28.46
C PHE A 286 -13.74 -13.62 -29.31
N TYR A 287 -14.15 -12.49 -28.74
CA TYR A 287 -13.99 -11.20 -29.41
C TYR A 287 -12.52 -11.02 -29.83
N GLN A 288 -12.31 -10.77 -31.12
CA GLN A 288 -10.96 -10.65 -31.66
C GLN A 288 -10.41 -9.24 -31.56
N LEU A 289 -9.31 -9.12 -30.80
CA LEU A 289 -8.67 -7.82 -30.61
C LEU A 289 -7.79 -7.46 -31.79
N LYS A 290 -7.69 -6.17 -32.04
CA LYS A 290 -6.69 -5.64 -32.95
C LYS A 290 -5.32 -5.67 -32.28
N PRO A 291 -4.28 -6.11 -33.00
CA PRO A 291 -2.93 -6.06 -32.44
C PRO A 291 -2.57 -4.69 -31.87
N VAL A 292 -1.87 -4.71 -30.72
CA VAL A 292 -1.03 -3.62 -30.23
C VAL A 292 -1.18 -3.24 -28.77
N PRO B 6 -24.08 8.94 -8.22
CA PRO B 6 -23.90 9.59 -6.92
C PRO B 6 -22.46 9.48 -6.40
N PHE B 7 -22.13 10.35 -5.46
CA PHE B 7 -20.85 10.33 -4.77
C PHE B 7 -20.67 9.03 -4.01
N THR B 8 -19.44 8.48 -4.00
CA THR B 8 -19.17 7.26 -3.25
C THR B 8 -17.86 7.31 -2.45
N LEU B 9 -17.87 6.58 -1.33
CA LEU B 9 -16.64 6.19 -0.63
C LEU B 9 -16.43 4.68 -0.81
N PRO B 10 -15.21 4.18 -0.56
CA PRO B 10 -14.98 2.73 -0.73
C PRO B 10 -15.98 1.89 0.08
N ASN B 11 -16.53 0.88 -0.58
CA ASN B 11 -17.41 -0.08 0.10
C ASN B 11 -16.52 -1.20 0.69
N LEU B 12 -15.70 -0.83 1.66
CA LEU B 12 -14.69 -1.71 2.25
C LEU B 12 -14.65 -1.43 3.74
N PRO B 13 -14.53 -2.48 4.57
CA PRO B 13 -14.51 -2.18 6.01
C PRO B 13 -13.20 -1.51 6.43
N LEU B 14 -13.27 -0.60 7.41
CA LEU B 14 -12.07 0.18 7.77
C LEU B 14 -10.90 -0.70 8.18
N SER B 15 -11.19 -1.80 8.85
CA SER B 15 -10.14 -2.67 9.36
C SER B 15 -9.39 -3.39 8.22
N SER B 16 -9.90 -3.30 6.98
CA SER B 16 -9.22 -3.90 5.84
CA SER B 16 -9.19 -3.91 5.87
C SER B 16 -8.28 -2.91 5.15
N LEU B 17 -8.28 -1.66 5.63
CA LEU B 17 -7.59 -0.57 4.93
C LEU B 17 -6.29 -0.15 5.59
N SER B 18 -5.57 0.79 4.95
CA SER B 18 -4.27 1.23 5.41
C SER B 18 -4.30 2.67 5.91
N ASN B 19 -3.39 2.93 6.85
CA ASN B 19 -3.00 4.29 7.18
C ASN B 19 -2.49 4.97 5.90
N SER B 20 -2.59 6.29 5.85
CA SER B 20 -2.02 7.04 4.71
C SER B 20 -0.74 7.79 5.10
N ARG B 21 -0.27 7.61 6.33
CA ARG B 21 1.02 8.20 6.72
C ARG B 21 2.13 7.15 6.92
N ALA B 22 1.78 5.87 6.87
CA ALA B 22 2.76 4.79 6.92
C ALA B 22 1.99 3.56 6.42
N PRO B 23 2.72 2.56 5.86
CA PRO B 23 2.05 1.39 5.29
C PRO B 23 1.60 0.39 6.38
N LEU B 24 0.59 0.79 7.15
CA LEU B 24 0.18 0.04 8.35
C LEU B 24 -1.33 -0.17 8.32
N PRO B 25 -1.80 -1.36 8.70
CA PRO B 25 -3.25 -1.57 8.80
C PRO B 25 -3.92 -0.59 9.77
N ILE B 26 -5.15 -0.20 9.45
CA ILE B 26 -6.00 0.59 10.37
C ILE B 26 -6.48 -0.35 11.50
N SER B 27 -6.27 0.08 12.74
CA SER B 27 -6.65 -0.74 13.90
C SER B 27 -7.76 -0.09 14.73
N SER B 28 -7.98 1.21 14.57
CA SER B 28 -9.07 1.90 15.28
C SER B 28 -9.35 3.28 14.67
N MET B 29 -10.43 3.91 15.09
CA MET B 29 -10.66 5.32 14.85
C MET B 29 -10.44 6.02 16.18
N GLY B 30 -10.16 7.31 16.12
CA GLY B 30 -10.02 8.06 17.37
C GLY B 30 -10.16 9.55 17.15
N ILE B 31 -10.04 10.28 18.26
CA ILE B 31 -10.03 11.74 18.28
C ILE B 31 -8.64 12.21 18.74
N SER B 32 -8.34 13.49 18.56
CA SER B 32 -7.04 14.02 18.97
C SER B 32 -7.01 14.29 20.48
N PRO B 33 -5.81 14.33 21.07
CA PRO B 33 -5.71 14.78 22.48
C PRO B 33 -6.27 16.18 22.70
N ASP B 34 -6.56 16.49 23.96
CA ASP B 34 -7.02 17.84 24.38
C ASP B 34 -6.08 18.93 23.89
N ASN B 35 -4.77 18.64 23.89
CA ASN B 35 -3.80 19.68 23.52
C ASN B 35 -3.58 19.82 22.01
N VAL B 36 -4.36 19.08 21.22
CA VAL B 36 -4.27 19.17 19.76
C VAL B 36 -5.61 19.63 19.22
N GLN B 37 -5.60 20.74 18.49
CA GLN B 37 -6.79 21.20 17.81
C GLN B 37 -6.63 20.95 16.32
N SER B 38 -5.88 21.81 15.64
CA SER B 38 -5.70 21.61 14.22
C SER B 38 -4.57 20.64 13.98
N VAL B 39 -4.56 20.06 12.78
CA VAL B 39 -3.44 19.23 12.34
C VAL B 39 -2.99 19.70 10.95
N GLN B 40 -1.76 19.36 10.58
CA GLN B 40 -1.21 19.84 9.32
C GLN B 40 -0.45 18.71 8.60
N PHE B 41 -0.99 17.48 8.67
CA PHE B 41 -0.38 16.32 8.02
C PHE B 41 -0.15 16.64 6.55
N GLN B 42 0.97 16.16 6.01
CA GLN B 42 1.28 16.37 4.58
C GLN B 42 0.99 15.18 3.69
N ASN B 43 0.98 13.98 4.31
CA ASN B 43 0.47 12.78 3.63
C ASN B 43 -0.96 12.49 4.06
N GLY B 44 -1.67 11.71 3.27
CA GLY B 44 -3.06 11.40 3.59
C GLY B 44 -3.98 12.58 3.41
N ARG B 45 -3.66 13.48 2.46
CA ARG B 45 -4.45 14.68 2.20
C ARG B 45 -5.03 14.61 0.78
N CYS B 46 -6.34 14.47 0.67
CA CYS B 46 -7.02 14.44 -0.60
C CYS B 46 -8.40 15.04 -0.42
N THR B 47 -8.76 15.98 -1.28
CA THR B 47 -10.10 16.58 -1.22
C THR B 47 -11.18 15.60 -1.73
N LEU B 48 -12.45 15.91 -1.45
CA LEU B 48 -13.51 15.02 -1.90
C LEU B 48 -13.65 14.93 -3.40
N ASP B 49 -13.20 15.97 -4.12
CA ASP B 49 -13.26 15.92 -5.60
C ASP B 49 -12.01 15.31 -6.22
N GLY B 50 -11.11 14.78 -5.39
CA GLY B 50 -9.97 14.03 -5.90
C GLY B 50 -8.67 14.79 -6.03
N ARG B 51 -8.55 15.96 -5.39
CA ARG B 51 -7.30 16.75 -5.46
C ARG B 51 -6.31 16.30 -4.38
N LEU B 52 -5.18 15.72 -4.78
CA LEU B 52 -4.13 15.37 -3.84
C LEU B 52 -3.43 16.61 -3.38
N VAL B 53 -3.10 16.62 -2.09
CA VAL B 53 -2.61 17.80 -1.40
C VAL B 53 -1.33 17.43 -0.64
N GLY B 54 -0.41 18.38 -0.43
CA GLY B 54 0.76 18.08 0.35
C GLY B 54 1.69 17.16 -0.42
N THR B 55 2.30 16.23 0.28
CA THR B 55 3.20 15.23 -0.34
C THR B 55 2.44 13.91 -0.65
N THR B 56 1.13 13.95 -0.56
CA THR B 56 0.32 12.73 -0.70
C THR B 56 0.43 12.08 -2.08
N PRO B 57 0.79 10.78 -2.11
CA PRO B 57 0.73 10.02 -3.37
C PRO B 57 -0.62 9.28 -3.52
N VAL B 58 -0.91 8.83 -4.75
CA VAL B 58 -2.07 7.97 -5.02
C VAL B 58 -1.95 6.61 -4.31
N SER B 59 -0.73 6.08 -4.28
CA SER B 59 -0.52 4.69 -3.89
C SER B 59 0.24 4.54 -2.60
N LEU B 60 -0.16 3.57 -1.79
CA LEU B 60 0.60 3.26 -0.60
C LEU B 60 2.05 2.87 -0.89
N SER B 61 2.33 2.39 -2.12
CA SER B 61 3.71 2.01 -2.47
C SER B 61 4.68 3.19 -2.43
N HIS B 62 4.14 4.42 -2.34
CA HIS B 62 4.99 5.61 -2.24
C HIS B 62 4.99 6.21 -0.82
N VAL B 63 4.17 5.66 0.09
CA VAL B 63 3.95 6.34 1.39
C VAL B 63 5.06 6.07 2.39
N ALA B 64 5.56 7.17 2.98
CA ALA B 64 6.63 7.12 3.97
C ALA B 64 7.94 6.50 3.44
N LYS B 65 8.25 6.92 2.21
CA LYS B 65 9.45 6.44 1.54
C LYS B 65 10.35 7.60 1.15
N ILE B 66 11.64 7.27 1.01
CA ILE B 66 12.62 8.25 0.52
C ILE B 66 13.41 7.60 -0.60
N ARG B 67 14.00 8.44 -1.45
CA ARG B 67 14.92 7.96 -2.47
C ARG B 67 16.01 9.03 -2.59
N GLY B 68 17.26 8.59 -2.64
CA GLY B 68 18.35 9.54 -2.85
C GLY B 68 19.73 8.93 -2.82
N THR B 69 20.73 9.76 -3.03
CA THR B 69 22.11 9.32 -3.05
C THR B 69 22.90 9.92 -1.91
N SER B 70 23.51 9.06 -1.11
CA SER B 70 24.39 9.48 -0.02
C SER B 70 25.79 9.69 -0.58
N ASN B 71 26.45 10.73 -0.08
CA ASN B 71 27.90 10.86 -0.26
C ASN B 71 28.66 10.58 1.03
N GLY B 72 27.99 9.97 2.01
CA GLY B 72 28.57 9.73 3.32
C GLY B 72 28.33 10.85 4.33
N THR B 73 28.00 12.04 3.85
CA THR B 73 27.71 13.22 4.69
C THR B 73 26.25 13.65 4.59
N VAL B 74 25.76 13.76 3.36
CA VAL B 74 24.35 14.08 3.11
C VAL B 74 23.75 13.09 2.13
N ILE B 75 22.42 13.00 2.19
CA ILE B 75 21.64 12.31 1.18
C ILE B 75 20.92 13.35 0.33
N ASN B 76 21.25 13.37 -0.96
CA ASN B 76 20.55 14.24 -1.88
C ASN B 76 19.35 13.51 -2.43
N LEU B 77 18.18 14.10 -2.18
CA LEU B 77 16.92 13.41 -2.41
C LEU B 77 16.41 13.63 -3.83
N THR B 78 15.71 12.62 -4.34
CA THR B 78 14.97 12.71 -5.56
C THR B 78 13.55 12.24 -5.30
N GLU B 79 12.70 12.25 -6.31
CA GLU B 79 11.42 11.54 -6.22
C GLU B 79 11.71 10.05 -6.17
N LEU B 80 10.69 9.28 -5.78
CA LEU B 80 10.87 7.85 -5.61
C LEU B 80 11.40 7.17 -6.88
N ASP B 81 11.00 7.67 -8.05
CA ASP B 81 11.40 7.05 -9.33
C ASP B 81 12.75 7.61 -9.83
N GLY B 82 13.40 8.45 -9.05
CA GLY B 82 14.72 9.02 -9.43
C GLY B 82 14.64 10.39 -10.07
N THR B 83 13.44 10.82 -10.47
CA THR B 83 13.16 12.17 -11.03
C THR B 83 13.62 13.26 -10.07
N PRO B 84 14.26 14.32 -10.59
CA PRO B 84 14.68 15.40 -9.69
C PRO B 84 13.53 16.04 -8.93
N PHE B 85 13.83 16.41 -7.70
CA PHE B 85 12.92 17.16 -6.85
C PHE B 85 13.47 18.58 -6.69
N HIS B 86 12.60 19.59 -6.77
CA HIS B 86 12.99 20.99 -6.64
C HIS B 86 12.13 21.66 -5.57
N PRO B 87 12.69 22.65 -4.84
CA PRO B 87 11.95 23.28 -3.75
C PRO B 87 10.56 23.77 -4.13
N PHE B 88 10.36 24.30 -5.35
CA PHE B 88 9.04 24.82 -5.70
C PHE B 88 7.94 23.76 -5.61
N GLU B 89 8.36 22.49 -5.65
CA GLU B 89 7.38 21.41 -5.75
C GLU B 89 6.65 21.12 -4.43
N GLY B 90 7.27 21.44 -3.32
CA GLY B 90 6.62 21.10 -2.04
C GLY B 90 7.61 21.05 -0.90
N PRO B 91 7.16 20.62 0.29
CA PRO B 91 8.04 20.58 1.48
C PRO B 91 9.05 19.46 1.46
N ALA B 92 8.81 18.47 0.61
CA ALA B 92 9.68 17.31 0.44
C ALA B 92 9.16 16.57 -0.80
N PRO B 93 9.92 15.59 -1.31
CA PRO B 93 9.43 14.76 -2.41
C PRO B 93 8.09 14.06 -2.07
N ILE B 94 7.33 13.69 -3.09
CA ILE B 94 6.08 12.97 -2.88
C ILE B 94 6.34 11.72 -2.02
N GLY B 95 5.47 11.51 -1.03
CA GLY B 95 5.53 10.34 -0.16
C GLY B 95 6.51 10.43 1.01
N PHE B 96 7.31 11.49 1.05
CA PHE B 96 8.32 11.61 2.10
C PHE B 96 7.63 11.52 3.49
N PRO B 97 8.24 10.84 4.48
CA PRO B 97 7.51 10.70 5.77
C PRO B 97 7.17 12.06 6.38
N ASP B 98 6.00 12.13 7.03
CA ASP B 98 5.53 13.38 7.63
C ASP B 98 5.27 13.23 9.13
N LEU B 99 5.94 12.28 9.76
CA LEU B 99 5.76 12.05 11.20
C LEU B 99 6.67 13.00 11.97
N GLY B 100 6.08 14.05 12.53
CA GLY B 100 6.84 14.84 13.50
C GLY B 100 6.93 14.12 14.83
N GLY B 101 7.64 14.73 15.78
CA GLY B 101 7.56 14.26 17.16
C GLY B 101 8.15 12.89 17.40
N CYS B 102 9.17 12.52 16.64
CA CYS B 102 9.84 11.22 16.82
C CYS B 102 11.13 11.16 16.00
N ASP B 103 12.02 10.22 16.35
CA ASP B 103 13.10 9.81 15.46
C ASP B 103 12.53 8.73 14.53
N TRP B 104 13.00 8.74 13.29
CA TRP B 104 12.64 7.71 12.31
C TRP B 104 13.72 6.66 12.20
N HIS B 105 13.31 5.44 11.87
CA HIS B 105 14.27 4.40 11.51
C HIS B 105 13.80 3.86 10.20
N ILE B 106 14.52 4.25 9.15
CA ILE B 106 14.14 3.95 7.78
C ILE B 106 14.99 2.79 7.27
N ASN B 107 14.35 1.78 6.69
CA ASN B 107 15.08 0.64 6.16
C ASN B 107 15.48 0.94 4.72
N MET B 108 16.80 0.96 4.50
CA MET B 108 17.39 1.36 3.20
C MET B 108 17.81 0.11 2.43
N THR B 109 17.38 0.02 1.19
CA THR B 109 17.78 -1.05 0.29
C THR B 109 18.26 -0.44 -1.01
N GLN B 110 18.77 -1.30 -1.91
CA GLN B 110 19.32 -0.84 -3.19
C GLN B 110 18.95 -1.71 -4.37
N PHE B 111 18.78 -1.07 -5.52
CA PHE B 111 18.63 -1.82 -6.76
C PHE B 111 19.99 -2.25 -7.29
N GLY B 112 20.22 -3.56 -7.25
CA GLY B 112 21.47 -4.15 -7.74
C GLY B 112 22.50 -4.45 -6.67
N HIS B 113 22.16 -4.26 -5.39
CA HIS B 113 23.05 -4.64 -4.30
C HIS B 113 22.29 -5.40 -3.24
N SER B 114 23.02 -6.26 -2.52
CA SER B 114 22.46 -6.97 -1.39
C SER B 114 22.32 -6.06 -0.18
N SER B 115 21.63 -6.57 0.86
CA SER B 115 21.60 -5.98 2.21
C SER B 115 20.57 -4.88 2.41
N GLN B 116 20.25 -4.67 3.69
CA GLN B 116 19.48 -3.50 4.10
C GLN B 116 20.28 -2.79 5.20
N THR B 117 19.98 -1.50 5.40
CA THR B 117 20.66 -0.71 6.41
C THR B 117 19.64 0.16 7.12
N GLN B 118 19.69 0.17 8.45
CA GLN B 118 18.83 1.06 9.21
C GLN B 118 19.40 2.47 9.21
N TYR B 119 18.61 3.40 8.69
CA TYR B 119 18.95 4.82 8.64
C TYR B 119 18.21 5.53 9.78
N ASP B 120 18.96 6.07 10.74
CA ASP B 120 18.38 6.73 11.91
C ASP B 120 18.25 8.22 11.66
N VAL B 121 17.03 8.74 11.71
CA VAL B 121 16.76 10.13 11.36
C VAL B 121 16.22 10.95 12.53
N ASP B 122 17.05 11.89 13.00
CA ASP B 122 16.59 12.96 13.86
C ASP B 122 16.16 14.08 12.91
N THR B 123 14.90 14.50 12.99
CA THR B 123 14.40 15.49 12.06
C THR B 123 14.59 16.93 12.54
N THR B 124 15.30 17.10 13.65
CA THR B 124 15.47 18.44 14.25
C THR B 124 16.72 19.26 13.87
N PRO B 125 17.83 18.63 13.44
CA PRO B 125 19.03 19.47 13.22
C PRO B 125 18.98 20.32 11.96
N ASP B 126 19.93 21.25 11.84
CA ASP B 126 19.97 22.18 10.71
C ASP B 126 20.23 21.48 9.38
N THR B 127 20.75 20.25 9.45
CA THR B 127 21.07 19.47 8.25
C THR B 127 19.85 18.74 7.68
N PHE B 128 18.74 18.75 8.42
CA PHE B 128 17.55 18.05 7.97
C PHE B 128 16.74 19.06 7.17
N VAL B 129 17.01 19.12 5.87
CA VAL B 129 16.34 20.09 5.03
C VAL B 129 15.76 19.45 3.76
N PRO B 130 14.78 18.55 3.94
CA PRO B 130 14.25 17.88 2.74
C PRO B 130 13.59 18.83 1.73
N HIS B 131 13.06 19.97 2.19
CA HIS B 131 12.48 20.94 1.26
C HIS B 131 13.50 21.45 0.23
N LEU B 132 14.77 21.48 0.65
CA LEU B 132 15.86 21.87 -0.24
C LEU B 132 16.58 20.64 -0.78
N GLY B 133 15.99 19.47 -0.56
CA GLY B 133 16.47 18.22 -1.19
C GLY B 133 17.64 17.53 -0.52
N SER B 134 17.89 17.84 0.74
CA SER B 134 19.10 17.39 1.42
C SER B 134 18.81 17.01 2.88
N ILE B 135 19.21 15.80 3.31
CA ILE B 135 19.17 15.40 4.73
C ILE B 135 20.47 14.73 5.16
N GLN B 136 20.83 14.86 6.43
CA GLN B 136 22.09 14.26 6.90
C GLN B 136 22.13 12.73 6.66
N ALA B 137 23.30 12.23 6.25
CA ALA B 137 23.47 10.80 6.00
C ALA B 137 23.51 9.99 7.29
N ASN B 138 23.95 10.64 8.36
CA ASN B 138 24.11 9.96 9.66
C ASN B 138 24.72 8.54 9.54
N GLY B 139 25.86 8.48 8.85
CA GLY B 139 26.62 7.24 8.72
C GLY B 139 26.24 6.31 7.59
N ILE B 140 25.20 6.65 6.83
CA ILE B 140 24.83 5.88 5.65
C ILE B 140 25.93 6.10 4.58
N GLY B 141 26.58 5.00 4.18
CA GLY B 141 27.66 5.04 3.18
C GLY B 141 27.23 5.48 1.79
N SER B 142 28.19 5.99 1.01
CA SER B 142 27.89 6.45 -0.33
C SER B 142 27.14 5.40 -1.14
N GLY B 143 26.18 5.87 -1.92
CA GLY B 143 25.37 5.03 -2.79
C GLY B 143 23.96 5.53 -2.93
N ASN B 144 23.21 4.91 -3.84
CA ASN B 144 21.80 5.25 -4.07
C ASN B 144 20.94 4.25 -3.33
N TYR B 145 19.92 4.78 -2.65
CA TYR B 145 19.04 3.93 -1.82
C TYR B 145 17.60 4.30 -2.04
N VAL B 146 16.72 3.31 -1.84
CA VAL B 146 15.32 3.59 -1.57
C VAL B 146 15.13 3.22 -0.08
N GLY B 147 14.35 4.04 0.62
CA GLY B 147 14.10 3.79 2.05
C GLY B 147 12.63 3.81 2.37
N VAL B 148 12.22 2.97 3.34
CA VAL B 148 10.82 2.99 3.81
C VAL B 148 10.85 3.07 5.34
N LEU B 149 9.97 3.88 5.90
CA LEU B 149 9.90 3.97 7.36
C LEU B 149 9.55 2.60 7.95
N SER B 150 10.34 2.17 8.93
CA SER B 150 10.17 0.85 9.55
C SER B 150 9.67 0.90 10.99
N TRP B 151 10.33 1.71 11.81
CA TRP B 151 9.89 1.86 13.19
C TRP B 151 10.31 3.26 13.66
N ILE B 152 9.77 3.68 14.80
CA ILE B 152 10.07 5.01 15.34
C ILE B 152 10.47 4.90 16.81
N SER B 153 11.04 6.01 17.33
CA SER B 153 11.41 6.10 18.74
C SER B 153 11.30 7.57 19.18
N PRO B 154 11.49 7.81 20.50
CA PRO B 154 11.39 9.19 20.96
C PRO B 154 12.40 10.10 20.27
N PRO B 155 12.06 11.38 20.11
CA PRO B 155 13.02 12.30 19.45
C PRO B 155 14.32 12.38 20.21
N SER B 156 15.41 12.53 19.45
CA SER B 156 16.71 12.75 20.05
C SER B 156 16.78 14.13 20.69
N HIS B 157 16.03 15.09 20.14
CA HIS B 157 15.97 16.46 20.67
C HIS B 157 14.58 16.99 20.51
N PRO B 158 14.08 17.75 21.50
CA PRO B 158 14.65 17.98 22.84
C PRO B 158 14.77 16.68 23.64
N SER B 159 15.85 16.56 24.40
CA SER B 159 16.05 15.42 25.27
C SER B 159 14.80 15.17 26.12
N GLY B 160 14.38 13.92 26.21
CA GLY B 160 13.22 13.56 27.04
C GLY B 160 11.86 13.92 26.50
N SER B 161 11.81 14.38 25.23
CA SER B 161 10.55 14.66 24.53
C SER B 161 9.71 13.42 24.35
N GLN B 162 8.38 13.58 24.34
CA GLN B 162 7.47 12.47 24.11
C GLN B 162 7.40 12.20 22.61
N VAL B 163 6.87 11.04 22.26
CA VAL B 163 6.50 10.75 20.88
C VAL B 163 5.14 11.39 20.64
N ASP B 164 5.07 12.29 19.66
CA ASP B 164 3.88 13.07 19.38
C ASP B 164 3.60 13.09 17.86
N LEU B 165 2.83 12.10 17.42
CA LEU B 165 2.61 11.88 16.00
C LEU B 165 1.55 12.81 15.42
N TRP B 166 1.02 13.73 16.24
CA TRP B 166 0.12 14.78 15.74
C TRP B 166 0.91 15.86 15.01
N LYS B 167 2.23 15.81 15.20
CA LYS B 167 3.16 16.80 14.63
C LYS B 167 3.63 16.37 13.25
N ILE B 168 4.14 17.36 12.50
CA ILE B 168 4.90 17.12 11.28
C ILE B 168 6.34 17.58 11.50
N PRO B 169 7.31 17.07 10.71
CA PRO B 169 8.71 17.47 10.91
C PRO B 169 9.02 18.85 10.37
N ASN B 170 10.18 19.36 10.74
CA ASN B 170 10.65 20.65 10.25
C ASN B 170 11.36 20.50 8.90
N TYR B 171 10.58 20.64 7.83
CA TYR B 171 11.05 20.35 6.47
C TYR B 171 12.08 21.36 5.95
N GLY B 172 12.04 22.57 6.50
CA GLY B 172 12.88 23.68 6.01
C GLY B 172 14.16 23.87 6.79
N SER B 173 14.92 24.90 6.43
CA SER B 173 16.20 25.18 7.08
C SER B 173 15.97 25.74 8.48
N SER B 174 14.80 26.34 8.66
CA SER B 174 14.29 26.74 9.97
C SER B 174 12.76 26.59 9.93
N ILE B 175 12.13 26.68 11.11
CA ILE B 175 10.66 26.61 11.17
C ILE B 175 9.99 27.81 10.48
N THR B 176 10.78 28.86 10.23
CA THR B 176 10.29 30.09 9.62
C THR B 176 10.48 30.14 8.09
N GLU B 177 11.15 29.14 7.53
CA GLU B 177 11.27 29.04 6.07
C GLU B 177 9.97 28.50 5.48
N ALA B 178 9.51 29.15 4.41
CA ALA B 178 8.30 28.72 3.71
C ALA B 178 8.63 27.48 2.91
N THR B 179 7.83 26.42 3.10
CA THR B 179 8.10 25.13 2.46
C THR B 179 6.93 24.63 1.64
N HIS B 180 5.90 25.46 1.42
CA HIS B 180 4.71 25.07 0.65
C HIS B 180 3.92 23.95 1.31
N LEU B 181 3.80 24.04 2.64
CA LEU B 181 2.99 23.03 3.36
C LEU B 181 1.55 23.09 2.92
N ALA B 182 0.92 21.92 2.85
CA ALA B 182 -0.53 21.90 2.74
C ALA B 182 -1.08 22.59 4.00
N PRO B 183 -2.21 23.31 3.85
CA PRO B 183 -2.70 24.06 5.00
C PRO B 183 -3.26 23.16 6.11
N SER B 184 -3.36 23.74 7.31
CA SER B 184 -3.91 23.04 8.45
C SER B 184 -5.40 22.77 8.28
N VAL B 185 -5.84 21.72 8.98
CA VAL B 185 -7.23 21.29 9.02
C VAL B 185 -7.72 21.55 10.45
N TYR B 186 -8.84 22.25 10.56
CA TYR B 186 -9.41 22.63 11.87
C TYR B 186 -10.75 21.95 12.13
N PRO B 187 -11.02 21.63 13.41
CA PRO B 187 -12.38 21.17 13.79
C PRO B 187 -13.39 22.27 13.38
N PRO B 188 -14.50 21.89 12.72
CA PRO B 188 -15.34 22.96 12.14
C PRO B 188 -16.31 23.70 13.08
N GLY B 189 -16.37 23.29 14.35
CA GLY B 189 -17.33 23.88 15.31
C GLY B 189 -18.54 22.98 15.55
N PHE B 190 -19.57 23.54 16.20
CA PHE B 190 -20.85 22.84 16.41
C PHE B 190 -20.73 21.60 17.30
N GLY B 191 -19.65 21.47 18.06
CA GLY B 191 -19.42 20.24 18.82
C GLY B 191 -18.91 19.07 17.98
N GLU B 192 -18.58 19.34 16.71
CA GLU B 192 -18.00 18.31 15.86
C GLU B 192 -16.51 18.21 16.11
N VAL B 193 -16.00 16.97 16.14
CA VAL B 193 -14.58 16.71 16.32
C VAL B 193 -14.04 16.01 15.07
N LEU B 194 -12.76 16.26 14.79
CA LEU B 194 -12.11 15.57 13.68
C LEU B 194 -11.99 14.08 14.01
N VAL B 195 -12.18 13.23 13.00
CA VAL B 195 -12.07 11.80 13.17
C VAL B 195 -10.75 11.36 12.52
N PHE B 196 -9.98 10.55 13.24
CA PHE B 196 -8.69 10.05 12.75
C PHE B 196 -8.72 8.55 12.66
N PHE B 197 -8.02 8.04 11.67
CA PHE B 197 -7.85 6.61 11.47
C PHE B 197 -6.49 6.24 11.99
N MET B 198 -6.45 5.26 12.90
CA MET B 198 -5.25 5.00 13.69
C MET B 198 -4.58 3.68 13.34
N SER B 199 -3.25 3.65 13.46
CA SER B 199 -2.50 2.41 13.26
C SER B 199 -1.45 2.26 14.32
N LYS B 200 -1.17 1.02 14.72
CA LYS B 200 -0.06 0.77 15.64
C LYS B 200 1.26 0.81 14.88
N MET B 201 2.21 1.57 15.42
CA MET B 201 3.52 1.73 14.78
C MET B 201 4.58 1.06 15.67
N PRO B 202 5.40 0.14 15.12
CA PRO B 202 6.45 -0.43 15.94
C PRO B 202 7.49 0.54 16.50
N GLY B 203 8.15 0.12 17.59
CA GLY B 203 9.09 0.96 18.31
C GLY B 203 8.87 0.75 19.80
N PRO B 204 9.77 1.30 20.64
CA PRO B 204 9.74 1.05 22.10
C PRO B 204 8.65 1.79 22.88
N GLY B 205 7.41 1.74 22.39
CA GLY B 205 6.26 2.28 23.13
C GLY B 205 4.98 1.95 22.41
N ALA B 206 3.87 2.35 23.00
CA ALA B 206 2.56 2.03 22.46
C ALA B 206 2.17 3.13 21.50
N TYR B 207 2.83 3.15 20.34
CA TYR B 207 2.62 4.25 19.41
C TYR B 207 1.45 4.04 18.47
N ASN B 208 0.67 5.10 18.30
CA ASN B 208 -0.54 5.09 17.51
C ASN B 208 -0.45 6.25 16.54
N LEU B 209 -0.45 5.92 15.25
CA LEU B 209 -0.31 6.92 14.18
C LEU B 209 -1.66 7.34 13.62
N PRO B 210 -2.05 8.62 13.73
CA PRO B 210 -3.33 9.09 13.19
C PRO B 210 -3.23 9.57 11.75
N CYS B 211 -4.26 9.36 10.96
CA CYS B 211 -4.33 10.02 9.65
C CYS B 211 -5.74 10.48 9.36
N LEU B 212 -5.93 11.39 8.42
CA LEU B 212 -7.26 11.92 8.13
C LEU B 212 -8.13 11.01 7.26
N LEU B 213 -7.49 10.24 6.36
CA LEU B 213 -8.21 9.31 5.49
C LEU B 213 -7.40 8.05 5.28
N PRO B 214 -8.04 6.87 5.24
CA PRO B 214 -7.27 5.68 4.84
C PRO B 214 -6.74 5.85 3.43
N GLN B 215 -5.60 5.21 3.16
CA GLN B 215 -4.99 5.37 1.82
C GLN B 215 -5.93 4.96 0.69
N GLU B 216 -6.73 3.89 0.89
CA GLU B 216 -7.62 3.43 -0.16
C GLU B 216 -8.73 4.43 -0.45
N TYR B 217 -9.02 5.29 0.54
CA TYR B 217 -9.96 6.40 0.28
C TYR B 217 -9.35 7.42 -0.68
N ILE B 218 -8.05 7.66 -0.51
CA ILE B 218 -7.30 8.59 -1.36
C ILE B 218 -7.29 8.11 -2.83
N SER B 219 -6.93 6.85 -3.06
CA SER B 219 -6.95 6.37 -4.44
CA SER B 219 -6.95 6.32 -4.42
C SER B 219 -8.37 6.35 -4.98
N HIS B 220 -9.35 5.99 -4.15
CA HIS B 220 -10.74 6.02 -4.60
C HIS B 220 -11.18 7.42 -5.03
N LEU B 221 -10.90 8.41 -4.19
CA LEU B 221 -11.34 9.78 -4.50
C LEU B 221 -10.59 10.36 -5.70
N ALA B 222 -9.30 10.02 -5.79
CA ALA B 222 -8.44 10.49 -6.92
C ALA B 222 -8.92 9.89 -8.25
N SER B 223 -9.45 8.69 -8.18
CA SER B 223 -10.03 8.03 -9.35
C SER B 223 -11.41 8.58 -9.68
N GLU B 224 -12.25 8.70 -8.64
CA GLU B 224 -13.65 9.11 -8.83
C GLU B 224 -13.77 10.52 -9.42
N GLN B 225 -12.90 11.44 -8.97
CA GLN B 225 -12.92 12.83 -9.45
C GLN B 225 -14.36 13.39 -9.46
N ALA B 226 -15.05 13.27 -8.32
CA ALA B 226 -16.46 13.66 -8.16
C ALA B 226 -16.75 15.02 -8.80
N PRO B 227 -17.70 15.05 -9.77
CA PRO B 227 -18.07 16.31 -10.45
C PRO B 227 -18.97 17.19 -9.59
N THR B 228 -19.55 16.59 -8.56
CA THR B 228 -20.50 17.23 -7.67
C THR B 228 -20.03 16.95 -6.27
N VAL B 229 -19.61 18.00 -5.58
CA VAL B 229 -19.31 17.94 -4.16
C VAL B 229 -20.10 19.08 -3.56
N GLY B 230 -20.92 18.77 -2.56
CA GLY B 230 -21.71 19.77 -1.84
C GLY B 230 -20.96 20.31 -0.63
N GLU B 231 -21.66 20.97 0.29
CA GLU B 231 -20.99 21.61 1.44
C GLU B 231 -20.45 20.62 2.45
N ALA B 232 -21.15 19.51 2.59
CA ALA B 232 -20.73 18.42 3.47
C ALA B 232 -21.50 17.18 3.05
N ALA B 233 -20.85 16.03 3.16
CA ALA B 233 -21.50 14.75 2.89
C ALA B 233 -21.93 14.14 4.20
N LEU B 234 -23.23 13.86 4.32
CA LEU B 234 -23.73 13.12 5.44
C LEU B 234 -23.45 11.64 5.14
N LEU B 235 -22.83 10.97 6.11
CA LEU B 235 -22.46 9.56 5.99
C LEU B 235 -23.10 8.75 7.12
N HIS B 236 -23.35 7.47 6.85
CA HIS B 236 -23.61 6.52 7.93
C HIS B 236 -22.44 5.57 8.03
N TYR B 237 -22.06 5.22 9.24
CA TYR B 237 -21.07 4.19 9.48
C TYR B 237 -21.87 2.91 9.68
N VAL B 238 -21.76 1.97 8.76
CA VAL B 238 -22.69 0.84 8.70
C VAL B 238 -22.01 -0.49 9.03
N ASP B 239 -22.70 -1.32 9.79
CA ASP B 239 -22.28 -2.71 9.94
C ASP B 239 -22.71 -3.42 8.67
N PRO B 240 -21.76 -3.97 7.90
CA PRO B 240 -22.10 -4.55 6.59
C PRO B 240 -23.09 -5.73 6.64
N ASP B 241 -22.93 -6.59 7.63
CA ASP B 241 -23.81 -7.75 7.79
C ASP B 241 -25.25 -7.40 8.14
N THR B 242 -25.45 -6.64 9.22
CA THR B 242 -26.79 -6.33 9.69
C THR B 242 -27.37 -5.14 8.94
N GLY B 243 -26.50 -4.32 8.36
CA GLY B 243 -26.91 -3.10 7.67
C GLY B 243 -27.26 -2.00 8.64
N ARG B 244 -26.99 -2.22 9.92
CA ARG B 244 -27.31 -1.27 10.96
C ARG B 244 -26.46 -0.01 10.83
N ASN B 245 -27.10 1.15 10.93
CA ASN B 245 -26.40 2.42 11.02
C ASN B 245 -25.84 2.62 12.43
N LEU B 246 -24.51 2.61 12.54
CA LEU B 246 -23.83 2.71 13.83
C LEU B 246 -23.60 4.15 14.26
N GLY B 247 -23.78 5.08 13.32
CA GLY B 247 -23.66 6.49 13.62
C GLY B 247 -23.52 7.38 12.40
N GLU B 248 -23.88 8.64 12.59
CA GLU B 248 -23.82 9.66 11.55
C GLU B 248 -22.49 10.40 11.64
N PHE B 249 -21.93 10.65 10.46
CA PHE B 249 -20.67 11.42 10.34
C PHE B 249 -20.83 12.42 9.20
N LYS B 250 -19.97 13.42 9.15
CA LYS B 250 -19.92 14.31 7.99
C LYS B 250 -18.52 14.23 7.35
N ALA B 251 -18.47 14.22 6.02
CA ALA B 251 -17.19 14.42 5.32
C ALA B 251 -17.21 15.81 4.71
N TYR B 252 -16.12 16.54 4.91
CA TYR B 252 -15.99 17.89 4.35
C TYR B 252 -15.16 17.93 3.09
N PRO B 253 -15.46 18.87 2.18
CA PRO B 253 -14.77 19.01 0.90
C PRO B 253 -13.24 18.93 0.99
N ASP B 254 -12.64 19.48 2.03
CA ASP B 254 -11.18 19.54 2.14
C ASP B 254 -10.55 18.17 2.45
N GLY B 255 -11.38 17.18 2.74
CA GLY B 255 -10.89 15.79 2.89
C GLY B 255 -10.76 15.25 4.30
N PHE B 256 -11.75 15.53 5.14
CA PHE B 256 -11.72 15.01 6.51
C PHE B 256 -13.14 14.68 6.97
N LEU B 257 -13.22 13.83 7.99
CA LEU B 257 -14.51 13.42 8.57
C LEU B 257 -14.65 13.96 9.97
N THR B 258 -15.90 14.17 10.37
CA THR B 258 -16.20 14.57 11.75
C THR B 258 -17.37 13.77 12.28
N CYS B 259 -17.52 13.79 13.61
CA CYS B 259 -18.75 13.34 14.24
C CYS B 259 -18.93 14.15 15.52
N VAL B 260 -20.06 13.93 16.18
CA VAL B 260 -20.32 14.51 17.49
C VAL B 260 -20.34 13.35 18.49
N PRO B 261 -19.31 13.26 19.36
CA PRO B 261 -19.29 12.20 20.36
C PRO B 261 -20.47 12.30 21.31
N ASN B 262 -20.94 11.15 21.78
CA ASN B 262 -22.05 11.08 22.73
C ASN B 262 -21.62 11.61 24.08
N GLY B 263 -20.33 11.45 24.39
CA GLY B 263 -19.72 11.97 25.61
C GLY B 263 -18.25 11.60 25.59
N ALA B 264 -17.53 11.91 26.66
CA ALA B 264 -16.08 11.65 26.73
C ALA B 264 -15.71 10.17 26.59
N SER B 265 -16.57 9.28 27.09
CA SER B 265 -16.24 7.86 27.09
C SER B 265 -16.91 7.09 25.96
N SER B 266 -17.68 7.80 25.12
CA SER B 266 -18.42 7.19 24.04
C SER B 266 -18.38 8.04 22.75
N GLY B 267 -17.53 7.63 21.82
CA GLY B 267 -17.33 8.37 20.56
C GLY B 267 -16.88 7.41 19.47
N PRO B 268 -16.19 7.92 18.43
CA PRO B 268 -15.86 7.04 17.31
C PRO B 268 -14.89 5.90 17.70
N GLN B 269 -14.06 6.14 18.72
CA GLN B 269 -13.14 5.13 19.24
C GLN B 269 -13.85 3.89 19.83
N GLN B 270 -15.11 4.05 20.23
CA GLN B 270 -15.88 2.95 20.82
C GLN B 270 -16.68 2.15 19.79
N LEU B 271 -16.67 2.62 18.54
CA LEU B 271 -17.34 1.90 17.46
C LEU B 271 -16.47 0.74 16.99
N PRO B 272 -17.10 -0.32 16.47
CA PRO B 272 -16.32 -1.42 15.89
C PRO B 272 -15.56 -0.88 14.67
N ILE B 273 -14.43 -1.50 14.38
CA ILE B 273 -13.58 -0.98 13.31
C ILE B 273 -13.85 -1.69 11.98
N ASN B 274 -14.79 -2.63 11.98
CA ASN B 274 -15.11 -3.36 10.76
C ASN B 274 -16.32 -2.81 9.98
N GLY B 275 -16.68 -1.55 10.23
CA GLY B 275 -17.79 -0.93 9.54
C GLY B 275 -17.35 -0.29 8.25
N VAL B 276 -18.32 0.18 7.50
CA VAL B 276 -18.14 0.81 6.21
C VAL B 276 -18.81 2.17 6.25
N PHE B 277 -18.09 3.20 5.80
CA PHE B 277 -18.72 4.51 5.63
C PHE B 277 -19.50 4.54 4.33
N VAL B 278 -20.76 4.97 4.41
CA VAL B 278 -21.65 5.05 3.24
C VAL B 278 -22.16 6.47 3.08
N PHE B 279 -22.00 7.01 1.87
CA PHE B 279 -22.58 8.29 1.51
C PHE B 279 -24.09 8.22 1.53
N VAL B 280 -24.71 9.17 2.24
CA VAL B 280 -26.16 9.26 2.32
C VAL B 280 -26.66 10.40 1.40
N SER B 281 -26.16 11.61 1.65
CA SER B 281 -26.62 12.77 0.86
C SER B 281 -25.73 13.97 1.13
N TRP B 282 -25.80 14.96 0.24
CA TRP B 282 -25.17 16.25 0.49
C TRP B 282 -26.02 17.07 1.43
N VAL B 283 -25.39 17.66 2.44
CA VAL B 283 -26.11 18.49 3.40
C VAL B 283 -25.42 19.85 3.59
N SER B 284 -26.08 20.75 4.32
CA SER B 284 -25.49 22.02 4.69
C SER B 284 -24.27 21.80 5.57
N ARG B 285 -23.28 22.69 5.48
CA ARG B 285 -22.12 22.58 6.36
C ARG B 285 -22.55 22.65 7.82
N PHE B 286 -23.71 23.27 8.06
CA PHE B 286 -24.26 23.46 9.40
C PHE B 286 -25.19 22.35 9.87
N TYR B 287 -25.41 21.35 9.02
CA TYR B 287 -26.23 20.20 9.38
C TYR B 287 -25.79 19.67 10.75
N GLN B 288 -26.75 19.52 11.66
CA GLN B 288 -26.41 19.06 13.01
C GLN B 288 -26.52 17.55 13.14
N LEU B 289 -25.40 16.90 13.45
CA LEU B 289 -25.35 15.45 13.58
C LEU B 289 -25.95 14.92 14.89
N LYS B 290 -26.55 13.73 14.82
CA LYS B 290 -26.92 12.99 16.03
C LYS B 290 -25.64 12.47 16.62
N PRO B 291 -25.45 12.62 17.95
CA PRO B 291 -24.24 12.12 18.59
C PRO B 291 -24.01 10.63 18.37
N VAL B 292 -22.74 10.25 18.22
CA VAL B 292 -22.36 8.84 18.06
C VAL B 292 -21.88 8.20 19.37
#